data_4LOB
#
_entry.id   4LOB
#
_cell.length_a   144.245
_cell.length_b   46.008
_cell.length_c   49.286
_cell.angle_alpha   90.00
_cell.angle_beta   90.00
_cell.angle_gamma   90.00
#
_symmetry.space_group_name_H-M   'P 21 21 2'
#
loop_
_entity.id
_entity.type
_entity.pdbx_description
1 polymer 'Polyprenyl synthetase'
2 non-polymer GLYCEROL
3 non-polymer 'CHLORIDE ION'
4 water water
#
_entity_poly.entity_id   1
_entity_poly.type   'polypeptide(L)'
_entity_poly.pdbx_seq_one_letter_code
;MHHHHHHSSGVDLGTENLYFQSMVIDFKQDILAPVATDFAAMDHLINEGISSKVGLVMSVSKHVVEAGGKRMRPIMCLLA
ARACDLDNMQNAQRLAAIIEMLHTATLVHDDVVDESGLRRGRPTANATWNNQTAVLVGDFLIARAFDLLVDLNNMTLLKD
FSTGTCEIAEGEVLQLQSQHQPDTTEETYLKIIHGKTSRLFELATEGAAILAGQEAYREPLRLFAGHFGNAFQIIDDILD
YTSDAETLGKNIGDDLMEGKPTLPLISALAHSTGEEHAIIRRSIATGGVDQLPKVIEIVQKSGALDYCQRRAQEETEAAL
QALSILPDTPYRQALINLTRLALHRIQ
;
_entity_poly.pdbx_strand_id   A
#
loop_
_chem_comp.id
_chem_comp.type
_chem_comp.name
_chem_comp.formula
CL non-polymer 'CHLORIDE ION' 'Cl -1'
GOL non-polymer GLYCEROL 'C3 H8 O3'
#
# COMPACT_ATOMS: atom_id res chain seq x y z
N HIS A 7 -20.25 -21.71 6.48
CA HIS A 7 -19.10 -20.97 7.05
C HIS A 7 -18.92 -19.57 6.42
N SER A 8 -19.21 -19.42 5.13
CA SER A 8 -19.11 -18.12 4.45
C SER A 8 -20.36 -17.26 4.61
N SER A 9 -20.21 -15.95 4.39
CA SER A 9 -21.31 -14.99 4.51
C SER A 9 -21.00 -13.64 3.84
N GLY A 10 -22.04 -12.82 3.65
CA GLY A 10 -21.90 -11.50 3.04
C GLY A 10 -21.17 -10.51 3.93
N VAL A 11 -20.40 -9.61 3.32
CA VAL A 11 -19.66 -8.57 4.05
C VAL A 11 -20.12 -7.19 3.61
N ASP A 12 -20.60 -6.41 4.57
CA ASP A 12 -21.21 -5.12 4.30
C ASP A 12 -20.59 -4.04 5.20
N LEU A 13 -20.17 -2.93 4.59
CA LEU A 13 -19.61 -1.81 5.34
C LEU A 13 -20.66 -1.22 6.31
N GLY A 14 -21.89 -1.07 5.83
CA GLY A 14 -22.99 -0.59 6.66
C GLY A 14 -23.34 -1.48 7.82
N THR A 15 -23.23 -2.80 7.62
CA THR A 15 -23.47 -3.75 8.71
C THR A 15 -22.35 -3.68 9.74
N GLU A 16 -21.10 -3.61 9.28
CA GLU A 16 -19.97 -3.46 10.22
C GLU A 16 -20.19 -2.24 11.10
N ASN A 17 -20.59 -1.14 10.48
CA ASN A 17 -20.85 0.11 11.21
C ASN A 17 -21.99 0.06 12.21
N LEU A 18 -22.99 -0.79 11.96
CA LEU A 18 -24.07 -1.01 12.94
C LEU A 18 -23.53 -1.46 14.30
N TYR A 19 -22.54 -2.35 14.30
CA TYR A 19 -22.02 -2.91 15.57
C TYR A 19 -20.78 -2.19 16.09
N PHE A 20 -20.04 -1.58 15.16
CA PHE A 20 -18.61 -1.36 15.34
C PHE A 20 -18.14 -0.11 14.57
N GLN A 21 -18.16 1.04 15.24
CA GLN A 21 -17.65 2.29 14.68
C GLN A 21 -16.14 2.18 14.45
N SER A 22 -15.69 2.68 13.30
CA SER A 22 -14.29 2.54 12.87
CA SER A 22 -14.29 2.54 12.88
C SER A 22 -13.32 3.22 13.84
N MET A 23 -13.77 4.28 14.49
CA MET A 23 -12.96 4.93 15.54
C MET A 23 -12.65 3.99 16.71
N VAL A 24 -13.42 2.90 16.84
CA VAL A 24 -13.22 1.92 17.93
C VAL A 24 -12.16 0.87 17.57
N ILE A 25 -11.90 0.70 16.28
CA ILE A 25 -10.99 -0.36 15.82
C ILE A 25 -9.55 -0.13 16.34
N ASP A 26 -9.07 -1.05 17.17
CA ASP A 26 -7.67 -1.05 17.62
C ASP A 26 -6.83 -2.08 16.83
N PHE A 27 -5.76 -1.59 16.23
CA PHE A 27 -4.86 -2.42 15.43
C PHE A 27 -4.26 -3.63 16.18
N LYS A 28 -3.81 -3.47 17.42
CA LYS A 28 -3.21 -4.62 18.08
C LYS A 28 -4.24 -5.73 18.37
N GLN A 29 -5.40 -5.35 18.93
CA GLN A 29 -6.40 -6.34 19.33
C GLN A 29 -7.30 -6.83 18.20
N ASP A 30 -7.59 -5.98 17.22
CA ASP A 30 -8.61 -6.29 16.21
C ASP A 30 -8.09 -6.72 14.85
N ILE A 31 -6.78 -6.62 14.64
CA ILE A 31 -6.17 -6.94 13.35
C ILE A 31 -4.98 -7.89 13.53
N LEU A 32 -4.03 -7.49 14.36
CA LEU A 32 -2.82 -8.27 14.60
C LEU A 32 -3.10 -9.55 15.41
N ALA A 33 -3.90 -9.40 16.47
CA ALA A 33 -4.09 -10.46 17.48
C ALA A 33 -4.26 -11.90 16.95
N PRO A 34 -5.10 -12.10 15.91
CA PRO A 34 -5.23 -13.47 15.38
C PRO A 34 -3.90 -14.10 14.98
N VAL A 35 -3.10 -13.38 14.21
CA VAL A 35 -1.81 -13.88 13.71
C VAL A 35 -0.59 -13.38 14.52
N ALA A 36 -0.79 -13.23 15.84
CA ALA A 36 0.22 -12.61 16.72
C ALA A 36 1.49 -13.46 16.88
N THR A 37 1.31 -14.67 17.41
CA THR A 37 2.37 -15.66 17.45
C THR A 37 3.09 -15.83 16.11
N ASP A 38 2.34 -15.90 15.02
CA ASP A 38 2.93 -16.04 13.69
C ASP A 38 3.80 -14.84 13.33
N PHE A 39 3.32 -13.66 13.70
CA PHE A 39 4.03 -12.43 13.41
C PHE A 39 5.33 -12.37 14.18
N ALA A 40 5.27 -12.77 15.46
CA ALA A 40 6.43 -12.82 16.32
C ALA A 40 7.46 -13.84 15.83
N ALA A 41 6.97 -14.93 15.25
CA ALA A 41 7.86 -15.95 14.68
C ALA A 41 8.49 -15.47 13.37
N MET A 42 7.77 -14.61 12.64
CA MET A 42 8.31 -14.02 11.42
C MET A 42 9.56 -13.18 11.73
N ASP A 43 9.54 -12.48 12.86
CA ASP A 43 10.65 -11.60 13.24
C ASP A 43 11.95 -12.37 13.43
N HIS A 44 11.88 -13.50 14.13
CA HIS A 44 13.03 -14.37 14.34
C HIS A 44 13.64 -14.81 13.01
N LEU A 45 12.78 -15.12 12.04
CA LEU A 45 13.22 -15.56 10.72
C LEU A 45 13.93 -14.45 9.95
N ILE A 46 13.44 -13.23 10.07
CA ILE A 46 14.07 -12.12 9.37
C ILE A 46 15.49 -11.85 9.85
N ASN A 47 15.71 -11.94 11.16
CA ASN A 47 17.05 -11.68 11.68
C ASN A 47 18.04 -12.66 11.08
N GLU A 48 17.62 -13.91 10.99
CA GLU A 48 18.39 -14.92 10.27
C GLU A 48 18.45 -14.54 8.80
N GLY A 49 17.35 -14.00 8.30
CA GLY A 49 17.22 -13.66 6.89
C GLY A 49 18.21 -12.62 6.41
N ILE A 50 18.50 -11.62 7.24
CA ILE A 50 19.41 -10.56 6.82
C ILE A 50 20.70 -10.36 7.65
N SER A 51 20.53 -10.00 8.91
CA SER A 51 21.49 -9.21 9.69
C SER A 51 22.92 -9.68 10.02
N SER A 52 23.08 -10.93 10.44
CA SER A 52 24.38 -11.31 11.02
C SER A 52 25.61 -11.06 10.14
N LYS A 53 25.46 -11.22 8.82
CA LYS A 53 26.57 -11.03 7.89
C LYS A 53 26.97 -9.56 7.76
N VAL A 54 25.97 -8.69 7.61
CA VAL A 54 26.20 -7.26 7.37
C VAL A 54 25.42 -6.38 8.35
N GLY A 55 26.14 -5.67 9.22
CA GLY A 55 25.54 -4.79 10.21
C GLY A 55 24.80 -3.62 9.62
N LEU A 56 25.27 -3.13 8.47
CA LEU A 56 24.70 -1.94 7.81
C LEU A 56 23.26 -2.14 7.35
N VAL A 57 22.90 -3.38 7.01
CA VAL A 57 21.56 -3.68 6.49
C VAL A 57 20.52 -3.84 7.60
N MET A 58 20.85 -4.63 8.62
CA MET A 58 19.92 -4.89 9.70
C MET A 58 19.59 -3.58 10.44
N SER A 59 20.58 -2.69 10.52
CA SER A 59 20.42 -1.37 11.15
C SER A 59 19.48 -0.49 10.33
N VAL A 60 19.81 -0.31 9.06
CA VAL A 60 18.98 0.47 8.13
C VAL A 60 17.56 -0.10 8.08
N SER A 61 17.46 -1.39 7.80
CA SER A 61 16.17 -2.07 7.76
C SER A 61 15.42 -1.98 9.10
N LYS A 62 16.17 -1.92 10.21
CA LYS A 62 15.56 -1.68 11.52
C LYS A 62 15.11 -0.21 11.59
N HIS A 63 16.01 0.69 11.22
CA HIS A 63 15.73 2.14 11.24
C HIS A 63 14.58 2.52 10.32
N VAL A 64 14.57 1.95 9.12
CA VAL A 64 13.52 2.21 8.14
C VAL A 64 12.18 1.74 8.67
N VAL A 65 12.19 0.54 9.24
CA VAL A 65 11.00 -0.05 9.84
C VAL A 65 10.57 0.81 11.02
N GLU A 66 11.55 1.34 11.73
CA GLU A 66 11.28 2.21 12.86
C GLU A 66 10.54 3.46 12.38
N ALA A 67 10.95 3.96 11.22
CA ALA A 67 10.25 5.08 10.64
C ALA A 67 8.91 4.63 10.08
N GLY A 68 7.86 5.34 10.46
CA GLY A 68 6.56 5.09 9.86
C GLY A 68 5.77 3.92 10.38
N GLY A 69 4.85 3.49 9.53
CA GLY A 69 3.67 2.76 9.91
C GLY A 69 3.84 1.35 10.38
N LYS A 70 2.76 0.83 10.94
CA LYS A 70 2.67 -0.54 11.38
C LYS A 70 2.90 -1.36 10.13
N ARG A 71 3.50 -2.54 10.30
CA ARG A 71 3.86 -3.37 9.18
C ARG A 71 2.66 -4.22 8.73
N MET A 72 1.70 -3.55 8.13
CA MET A 72 0.47 -4.19 7.68
C MET A 72 0.64 -5.26 6.60
N ARG A 73 1.54 -5.03 5.66
CA ARG A 73 1.75 -5.94 4.53
C ARG A 73 2.04 -7.39 4.91
N PRO A 74 3.04 -7.63 5.77
CA PRO A 74 3.29 -8.97 6.30
C PRO A 74 2.15 -9.52 7.16
N ILE A 75 1.58 -8.68 8.02
CA ILE A 75 0.39 -9.05 8.79
C ILE A 75 -0.78 -9.48 7.87
N MET A 76 -1.00 -8.81 6.75
CA MET A 76 -2.05 -9.22 5.83
C MET A 76 -1.79 -10.58 5.22
N CYS A 77 -0.54 -10.81 4.83
CA CYS A 77 -0.07 -12.10 4.33
C CYS A 77 -0.36 -13.21 5.33
N LEU A 78 -0.03 -12.97 6.59
CA LEU A 78 -0.28 -13.98 7.62
C LEU A 78 -1.78 -14.24 7.79
N LEU A 79 -2.59 -13.19 7.61
CA LEU A 79 -4.03 -13.30 7.81
C LEU A 79 -4.69 -14.08 6.69
N ALA A 80 -4.32 -13.79 5.45
CA ALA A 80 -4.80 -14.54 4.31
C ALA A 80 -4.41 -16.03 4.39
N ALA A 81 -3.22 -16.32 4.89
CA ALA A 81 -2.75 -17.70 5.03
C ALA A 81 -3.64 -18.49 6.00
N ARG A 82 -3.94 -17.90 7.15
CA ARG A 82 -4.85 -18.53 8.11
C ARG A 82 -6.25 -18.62 7.53
N ALA A 83 -6.69 -17.57 6.84
CA ALA A 83 -8.00 -17.56 6.20
C ALA A 83 -8.10 -18.64 5.11
N CYS A 84 -6.94 -19.04 4.57
CA CYS A 84 -6.84 -20.13 3.61
C CYS A 84 -6.58 -21.49 4.24
N ASP A 85 -6.59 -21.56 5.57
CA ASP A 85 -6.26 -22.77 6.31
C ASP A 85 -4.93 -23.43 5.91
N LEU A 86 -3.92 -22.61 5.61
CA LEU A 86 -2.58 -23.11 5.26
C LEU A 86 -2.04 -24.01 6.35
N ASP A 87 -1.63 -25.22 5.96
CA ASP A 87 -1.19 -26.23 6.91
C ASP A 87 0.19 -25.89 7.50
N ASN A 88 1.13 -25.52 6.62
CA ASN A 88 2.48 -25.14 7.02
C ASN A 88 2.62 -23.63 7.13
N MET A 89 2.31 -23.08 8.31
CA MET A 89 2.37 -21.63 8.52
C MET A 89 3.80 -21.09 8.53
N GLN A 90 4.79 -21.95 8.75
CA GLN A 90 6.19 -21.54 8.63
C GLN A 90 6.48 -20.97 7.25
N ASN A 91 5.84 -21.51 6.22
CA ASN A 91 5.96 -20.99 4.85
C ASN A 91 5.25 -19.64 4.69
N ALA A 92 4.19 -19.42 5.49
CA ALA A 92 3.49 -18.16 5.51
C ALA A 92 4.38 -17.09 6.12
N GLN A 93 5.04 -17.46 7.20
CA GLN A 93 5.96 -16.59 7.91
C GLN A 93 7.14 -16.20 7.03
N ARG A 94 7.61 -17.15 6.22
CA ARG A 94 8.69 -16.88 5.28
C ARG A 94 8.18 -15.96 4.16
N LEU A 95 6.97 -16.18 3.68
CA LEU A 95 6.39 -15.34 2.64
C LEU A 95 6.15 -13.91 3.17
N ALA A 96 5.63 -13.82 4.39
CA ALA A 96 5.46 -12.54 5.09
C ALA A 96 6.79 -11.75 5.17
N ALA A 97 7.88 -12.45 5.45
CA ALA A 97 9.21 -11.83 5.51
C ALA A 97 9.68 -11.31 4.14
N ILE A 98 9.41 -12.08 3.10
CA ILE A 98 9.69 -11.69 1.72
C ILE A 98 8.95 -10.40 1.37
N ILE A 99 7.64 -10.39 1.63
CA ILE A 99 6.81 -9.21 1.42
C ILE A 99 7.39 -8.01 2.16
N GLU A 100 7.82 -8.21 3.41
CA GLU A 100 8.34 -7.13 4.22
C GLU A 100 9.71 -6.63 3.74
N MET A 101 10.59 -7.53 3.32
CA MET A 101 11.91 -7.13 2.82
C MET A 101 11.74 -6.33 1.53
N LEU A 102 10.76 -6.74 0.72
CA LEU A 102 10.46 -6.05 -0.54
C LEU A 102 9.92 -4.63 -0.32
N HIS A 103 8.92 -4.49 0.54
CA HIS A 103 8.44 -3.17 0.96
C HIS A 103 9.58 -2.28 1.49
N THR A 104 10.39 -2.84 2.39
CA THR A 104 11.53 -2.13 2.96
C THR A 104 12.52 -1.70 1.89
N ALA A 105 12.79 -2.59 0.93
CA ALA A 105 13.69 -2.26 -0.18
C ALA A 105 13.17 -1.03 -0.93
N THR A 106 11.88 -1.04 -1.24
CA THR A 106 11.23 0.05 -1.96
C THR A 106 11.32 1.39 -1.23
N LEU A 107 11.19 1.37 0.10
CA LEU A 107 11.26 2.59 0.90
C LEU A 107 12.66 3.17 0.89
N VAL A 108 13.64 2.31 1.15
CA VAL A 108 15.03 2.73 1.18
C VAL A 108 15.45 3.28 -0.19
N HIS A 109 14.90 2.71 -1.25
CA HIS A 109 15.17 3.17 -2.61
C HIS A 109 14.44 4.46 -2.95
N ASP A 110 13.21 4.61 -2.48
CA ASP A 110 12.50 5.89 -2.62
C ASP A 110 13.13 7.00 -1.77
N ASP A 111 13.92 6.64 -0.77
CA ASP A 111 14.59 7.61 0.08
C ASP A 111 15.84 8.23 -0.58
N VAL A 112 16.23 7.74 -1.75
CA VAL A 112 17.37 8.31 -2.49
C VAL A 112 16.95 9.62 -3.15
N VAL A 113 17.86 10.59 -3.10
CA VAL A 113 17.56 11.98 -3.51
C VAL A 113 18.55 12.47 -4.57
N ASP A 114 18.15 13.51 -5.31
CA ASP A 114 18.97 14.12 -6.35
C ASP A 114 19.67 15.38 -5.85
N TRP A 129 23.54 7.79 7.25
CA TRP A 129 23.63 7.06 5.98
C TRP A 129 23.44 8.00 4.79
N ASN A 130 23.47 7.46 3.58
CA ASN A 130 23.44 8.23 2.34
C ASN A 130 22.92 7.44 1.16
N ASN A 131 22.94 8.05 -0.02
CA ASN A 131 22.36 7.46 -1.20
C ASN A 131 22.99 6.13 -1.60
N GLN A 132 24.30 6.04 -1.47
CA GLN A 132 25.00 4.80 -1.83
C GLN A 132 24.64 3.68 -0.86
N THR A 133 24.63 3.98 0.44
CA THR A 133 24.19 3.02 1.44
C THR A 133 22.75 2.57 1.20
N ALA A 134 21.88 3.52 0.86
CA ALA A 134 20.47 3.22 0.64
C ALA A 134 20.28 2.33 -0.60
N VAL A 135 20.97 2.66 -1.68
CA VAL A 135 20.93 1.88 -2.90
C VAL A 135 21.38 0.44 -2.62
N LEU A 136 22.50 0.29 -1.95
CA LEU A 136 23.08 -1.04 -1.69
C LEU A 136 22.25 -1.87 -0.71
N VAL A 137 21.67 -1.22 0.30
CA VAL A 137 20.84 -1.94 1.26
C VAL A 137 19.58 -2.43 0.59
N GLY A 138 18.98 -1.61 -0.26
CA GLY A 138 17.80 -2.01 -1.02
C GLY A 138 18.06 -3.21 -1.92
N ASP A 139 19.21 -3.20 -2.58
CA ASP A 139 19.60 -4.30 -3.46
C ASP A 139 19.82 -5.59 -2.68
N PHE A 140 20.50 -5.50 -1.55
CA PHE A 140 20.70 -6.64 -0.67
C PHE A 140 19.37 -7.26 -0.24
N LEU A 141 18.40 -6.43 0.10
CA LEU A 141 17.11 -6.91 0.57
C LEU A 141 16.35 -7.59 -0.57
N ILE A 142 16.42 -7.03 -1.77
CA ILE A 142 15.79 -7.64 -2.94
C ILE A 142 16.41 -9.03 -3.18
N ALA A 143 17.73 -9.13 -3.04
CA ALA A 143 18.44 -10.40 -3.26
C ALA A 143 18.03 -11.46 -2.24
N ARG A 144 17.98 -11.10 -0.96
CA ARG A 144 17.57 -12.07 0.07
C ARG A 144 16.12 -12.48 -0.10
N ALA A 145 15.24 -11.52 -0.34
CA ALA A 145 13.84 -11.83 -0.62
C ALA A 145 13.68 -12.86 -1.74
N PHE A 146 14.40 -12.66 -2.83
N PHE A 146 14.41 -12.63 -2.83
CA PHE A 146 14.29 -13.55 -3.97
CA PHE A 146 14.41 -13.50 -4.01
C PHE A 146 14.90 -14.93 -3.69
C PHE A 146 14.89 -14.91 -3.67
N ASP A 147 15.98 -14.97 -2.93
CA ASP A 147 16.55 -16.25 -2.49
C ASP A 147 15.60 -17.01 -1.54
N LEU A 148 14.93 -16.29 -0.64
CA LEU A 148 13.90 -16.89 0.20
C LEU A 148 12.73 -17.39 -0.63
N LEU A 149 12.33 -16.63 -1.65
CA LEU A 149 11.28 -17.09 -2.56
C LEU A 149 11.65 -18.41 -3.25
N VAL A 150 12.88 -18.51 -3.72
CA VAL A 150 13.33 -19.71 -4.44
C VAL A 150 13.30 -20.90 -3.48
N ASP A 151 13.64 -20.66 -2.22
CA ASP A 151 13.64 -21.71 -1.22
C ASP A 151 12.25 -22.26 -0.95
N LEU A 152 11.20 -21.46 -1.20
CA LEU A 152 9.83 -21.95 -1.04
C LEU A 152 9.45 -23.00 -2.10
N ASN A 153 10.19 -23.02 -3.21
CA ASN A 153 10.15 -24.12 -4.16
C ASN A 153 8.80 -24.29 -4.87
N ASN A 154 8.15 -23.17 -5.13
CA ASN A 154 6.85 -23.14 -5.78
C ASN A 154 6.95 -22.24 -7.00
N MET A 155 6.87 -22.84 -8.19
CA MET A 155 7.08 -22.09 -9.43
C MET A 155 5.91 -21.16 -9.76
N THR A 156 4.71 -21.50 -9.31
CA THR A 156 3.56 -20.63 -9.49
C THR A 156 3.77 -19.34 -8.71
N LEU A 157 4.24 -19.48 -7.48
CA LEU A 157 4.51 -18.34 -6.62
C LEU A 157 5.64 -17.48 -7.20
N LEU A 158 6.72 -18.14 -7.63
CA LEU A 158 7.85 -17.43 -8.24
C LEU A 158 7.43 -16.61 -9.45
N LYS A 159 6.61 -17.20 -10.32
CA LYS A 159 6.16 -16.48 -11.51
C LYS A 159 5.22 -15.33 -11.17
N ASP A 160 4.38 -15.50 -10.15
CA ASP A 160 3.51 -14.40 -9.71
C ASP A 160 4.37 -13.23 -9.23
N PHE A 161 5.34 -13.56 -8.38
CA PHE A 161 6.25 -12.56 -7.85
C PHE A 161 7.12 -11.90 -8.92
N SER A 162 7.62 -12.66 -9.87
CA SER A 162 8.49 -12.08 -10.90
C SER A 162 7.73 -11.16 -11.86
N THR A 163 6.53 -11.56 -12.27
CA THR A 163 5.67 -10.70 -13.10
C THR A 163 5.22 -9.48 -12.31
N GLY A 164 4.86 -9.69 -11.04
CA GLY A 164 4.43 -8.64 -10.14
C GLY A 164 5.49 -7.58 -9.86
N THR A 165 6.73 -8.00 -9.63
CA THR A 165 7.81 -7.04 -9.38
C THR A 165 8.10 -6.21 -10.63
N CYS A 166 7.93 -6.79 -11.81
CA CYS A 166 8.01 -6.03 -13.05
C CYS A 166 6.91 -4.99 -13.12
N GLU A 167 5.71 -5.34 -12.65
CA GLU A 167 4.58 -4.41 -12.67
C GLU A 167 4.80 -3.28 -11.65
N ILE A 168 5.43 -3.60 -10.53
CA ILE A 168 5.76 -2.58 -9.53
C ILE A 168 6.76 -1.58 -10.08
N ALA A 169 7.86 -2.09 -10.65
CA ALA A 169 8.84 -1.25 -11.32
C ALA A 169 8.23 -0.47 -12.48
N GLU A 170 7.31 -1.08 -13.22
CA GLU A 170 6.67 -0.38 -14.34
C GLU A 170 5.81 0.77 -13.82
N GLY A 171 5.10 0.52 -12.72
CA GLY A 171 4.29 1.55 -12.08
C GLY A 171 5.14 2.73 -11.65
N GLU A 172 6.28 2.44 -11.03
CA GLU A 172 7.20 3.47 -10.54
C GLU A 172 7.79 4.31 -11.67
N VAL A 173 8.06 3.68 -12.80
CA VAL A 173 8.60 4.37 -13.96
C VAL A 173 7.50 5.21 -14.62
N LEU A 174 6.29 4.65 -14.68
CA LEU A 174 5.16 5.38 -15.27
C LEU A 174 4.90 6.68 -14.51
N GLN A 175 5.06 6.62 -13.19
CA GLN A 175 4.95 7.80 -12.33
C GLN A 175 6.01 8.85 -12.64
N LEU A 176 7.22 8.38 -12.91
CA LEU A 176 8.34 9.25 -13.23
C LEU A 176 8.12 9.93 -14.57
N GLN A 177 7.55 9.19 -15.52
CA GLN A 177 7.21 9.74 -16.84
C GLN A 177 6.04 10.73 -16.77
N SER A 178 5.15 10.55 -15.80
CA SER A 178 3.96 11.38 -15.63
C SER A 178 4.20 12.61 -14.74
N GLN A 179 5.44 12.81 -14.32
CA GLN A 179 5.80 13.94 -13.46
C GLN A 179 5.72 15.25 -14.24
N HIS A 180 5.12 16.27 -13.62
CA HIS A 180 4.90 17.58 -14.26
C HIS A 180 4.10 17.49 -15.56
N GLN A 181 3.16 16.54 -15.61
CA GLN A 181 2.28 16.35 -16.75
C GLN A 181 0.84 16.69 -16.34
N PRO A 182 0.37 17.89 -16.68
CA PRO A 182 -1.00 18.28 -16.34
C PRO A 182 -2.10 17.48 -17.06
N ASP A 183 -1.78 16.90 -18.22
CA ASP A 183 -2.76 16.15 -19.00
C ASP A 183 -3.03 14.75 -18.46
N THR A 184 -2.29 14.32 -17.44
CA THR A 184 -2.43 12.97 -16.92
C THR A 184 -3.87 12.65 -16.53
N THR A 185 -4.34 11.49 -16.97
CA THR A 185 -5.73 11.10 -16.75
C THR A 185 -5.88 10.34 -15.45
N GLU A 186 -7.13 10.18 -15.00
CA GLU A 186 -7.43 9.35 -13.83
C GLU A 186 -7.14 7.88 -14.14
N GLU A 187 -7.43 7.45 -15.37
CA GLU A 187 -7.10 6.09 -15.82
C GLU A 187 -5.61 5.84 -15.59
N THR A 188 -4.78 6.76 -16.07
CA THR A 188 -3.34 6.65 -15.88
C THR A 188 -2.93 6.64 -14.40
N TYR A 189 -3.57 7.47 -13.57
CA TYR A 189 -3.28 7.49 -12.12
C TYR A 189 -3.56 6.16 -11.47
N LEU A 190 -4.71 5.58 -11.81
CA LEU A 190 -5.08 4.26 -11.29
C LEU A 190 -4.10 3.19 -11.74
N LYS A 191 -3.64 3.30 -12.97
CA LYS A 191 -2.60 2.41 -13.50
C LYS A 191 -1.33 2.53 -12.68
N ILE A 192 -0.94 3.77 -12.37
CA ILE A 192 0.29 4.01 -11.62
C ILE A 192 0.19 3.43 -10.22
N ILE A 193 -0.88 3.75 -9.52
CA ILE A 193 -1.00 3.35 -8.11
C ILE A 193 -1.23 1.84 -7.95
N HIS A 194 -1.83 1.20 -8.95
CA HIS A 194 -1.97 -0.26 -8.90
C HIS A 194 -0.60 -0.93 -8.96
N GLY A 195 0.25 -0.39 -9.83
CA GLY A 195 1.63 -0.83 -9.94
C GLY A 195 2.43 -0.54 -8.68
N LYS A 196 2.50 0.72 -8.30
CA LYS A 196 3.43 1.13 -7.24
C LYS A 196 2.97 0.78 -5.84
N THR A 197 1.66 0.66 -5.61
CA THR A 197 1.17 0.35 -4.25
C THR A 197 0.36 -0.94 -4.15
N SER A 198 -0.59 -1.15 -5.04
CA SER A 198 -1.57 -2.25 -4.88
C SER A 198 -1.00 -3.66 -5.12
N ARG A 199 -0.13 -3.79 -6.12
CA ARG A 199 0.43 -5.10 -6.52
C ARG A 199 1.14 -5.84 -5.38
N LEU A 200 1.90 -5.12 -4.56
CA LEU A 200 2.55 -5.76 -3.42
C LEU A 200 1.56 -6.33 -2.42
N PHE A 201 0.44 -5.63 -2.19
CA PHE A 201 -0.64 -6.19 -1.37
C PHE A 201 -1.21 -7.46 -2.02
N GLU A 202 -1.36 -7.48 -3.33
CA GLU A 202 -1.85 -8.68 -4.01
C GLU A 202 -0.92 -9.87 -3.90
N LEU A 203 0.39 -9.61 -3.90
CA LEU A 203 1.37 -10.69 -3.81
C LEU A 203 1.30 -11.29 -2.42
N ALA A 204 1.08 -10.44 -1.43
CA ALA A 204 0.94 -10.86 -0.03
C ALA A 204 -0.26 -11.77 0.20
N THR A 205 -1.41 -11.40 -0.33
CA THR A 205 -2.64 -12.14 -0.08
C THR A 205 -2.81 -13.34 -1.02
N GLU A 206 -2.67 -13.13 -2.32
CA GLU A 206 -2.81 -14.22 -3.26
C GLU A 206 -1.68 -15.23 -3.11
N GLY A 207 -0.48 -14.77 -2.78
CA GLY A 207 0.65 -15.66 -2.56
C GLY A 207 0.38 -16.61 -1.41
N ALA A 208 -0.36 -16.14 -0.42
CA ALA A 208 -0.84 -16.99 0.67
C ALA A 208 -1.78 -18.07 0.14
N ALA A 209 -2.70 -17.72 -0.76
CA ALA A 209 -3.62 -18.68 -1.36
C ALA A 209 -2.85 -19.67 -2.25
N ILE A 210 -1.88 -19.18 -3.00
CA ILE A 210 -1.00 -20.04 -3.79
C ILE A 210 -0.25 -21.05 -2.91
N LEU A 211 0.26 -20.61 -1.76
CA LEU A 211 0.92 -21.51 -0.83
C LEU A 211 -0.02 -22.60 -0.32
N ALA A 212 -1.26 -22.22 -0.01
CA ALA A 212 -2.25 -23.15 0.54
C ALA A 212 -2.85 -24.06 -0.53
N GLY A 213 -2.60 -23.76 -1.81
CA GLY A 213 -3.23 -24.45 -2.93
C GLY A 213 -4.72 -24.18 -3.01
N GLN A 214 -5.14 -23.01 -2.56
CA GLN A 214 -6.55 -22.64 -2.57
C GLN A 214 -6.79 -21.76 -3.77
N GLU A 215 -6.87 -22.39 -4.93
CA GLU A 215 -6.92 -21.68 -6.21
C GLU A 215 -8.20 -20.84 -6.35
N ALA A 216 -9.30 -21.32 -5.75
CA ALA A 216 -10.57 -20.60 -5.76
C ALA A 216 -10.52 -19.31 -4.95
N TYR A 217 -9.59 -19.22 -4.00
CA TYR A 217 -9.43 -18.02 -3.17
C TYR A 217 -8.45 -16.99 -3.76
N ARG A 218 -7.68 -17.39 -4.77
CA ARG A 218 -6.67 -16.53 -5.36
C ARG A 218 -7.21 -15.22 -5.91
N GLU A 219 -8.23 -15.32 -6.76
CA GLU A 219 -8.77 -14.10 -7.40
C GLU A 219 -9.53 -13.21 -6.41
N PRO A 220 -10.34 -13.80 -5.50
CA PRO A 220 -10.94 -12.98 -4.45
C PRO A 220 -9.93 -12.23 -3.57
N LEU A 221 -8.89 -12.92 -3.12
CA LEU A 221 -7.85 -12.29 -2.31
C LEU A 221 -7.05 -11.22 -3.09
N ARG A 222 -6.81 -11.49 -4.37
CA ARG A 222 -6.16 -10.52 -5.24
C ARG A 222 -7.01 -9.25 -5.37
N LEU A 223 -8.28 -9.41 -5.78
CA LEU A 223 -9.22 -8.29 -5.89
C LEU A 223 -9.37 -7.53 -4.56
N PHE A 224 -9.46 -8.27 -3.46
CA PHE A 224 -9.51 -7.61 -2.17
C PHE A 224 -8.30 -6.69 -1.96
N ALA A 225 -7.11 -7.24 -2.12
CA ALA A 225 -5.88 -6.51 -1.81
C ALA A 225 -5.64 -5.36 -2.78
N GLY A 226 -6.05 -5.55 -4.02
CA GLY A 226 -5.85 -4.51 -5.00
C GLY A 226 -6.70 -3.29 -4.76
N HIS A 227 -7.96 -3.52 -4.41
CA HIS A 227 -8.88 -2.45 -4.05
C HIS A 227 -8.48 -1.82 -2.74
N PHE A 228 -8.11 -2.66 -1.77
CA PHE A 228 -7.53 -2.14 -0.55
C PHE A 228 -6.36 -1.18 -0.84
N GLY A 229 -5.39 -1.67 -1.62
CA GLY A 229 -4.22 -0.89 -1.98
C GLY A 229 -4.58 0.41 -2.71
N ASN A 230 -5.54 0.34 -3.62
CA ASN A 230 -6.03 1.52 -4.34
C ASN A 230 -6.59 2.55 -3.37
N ALA A 231 -7.49 2.15 -2.47
CA ALA A 231 -7.99 3.07 -1.42
C ALA A 231 -6.86 3.57 -0.53
N PHE A 232 -5.85 2.76 -0.33
CA PHE A 232 -4.75 3.14 0.56
C PHE A 232 -3.94 4.29 -0.02
N GLN A 233 -3.65 4.22 -1.32
CA GLN A 233 -2.88 5.28 -1.97
C GLN A 233 -3.70 6.56 -2.18
N ILE A 234 -5.01 6.43 -2.36
CA ILE A 234 -5.89 7.61 -2.54
C ILE A 234 -5.91 8.44 -1.25
N ILE A 235 -6.00 7.75 -0.11
CA ILE A 235 -6.00 8.39 1.20
C ILE A 235 -4.66 9.05 1.53
N ASP A 236 -3.56 8.38 1.22
CA ASP A 236 -2.21 8.96 1.36
C ASP A 236 -2.11 10.29 0.64
N ASP A 237 -2.58 10.31 -0.60
CA ASP A 237 -2.56 11.51 -1.45
C ASP A 237 -3.42 12.63 -0.87
N ILE A 238 -4.62 12.28 -0.43
CA ILE A 238 -5.50 13.22 0.25
C ILE A 238 -4.80 13.89 1.43
N LEU A 239 -4.14 13.07 2.26
CA LEU A 239 -3.52 13.53 3.50
C LEU A 239 -2.39 14.54 3.27
N ASP A 240 -1.75 14.50 2.10
CA ASP A 240 -0.70 15.47 1.78
C ASP A 240 -1.27 16.85 1.39
N TYR A 241 -2.59 16.96 1.27
CA TYR A 241 -3.26 18.24 1.06
C TYR A 241 -4.08 18.67 2.26
N THR A 242 -3.72 18.11 3.43
CA THR A 242 -4.38 18.43 4.70
C THR A 242 -3.33 18.65 5.79
N SER A 243 -3.79 19.02 6.98
CA SER A 243 -2.91 19.25 8.14
C SER A 243 -2.30 17.96 8.70
N ASP A 244 -2.86 16.82 8.31
CA ASP A 244 -2.34 15.52 8.77
C ASP A 244 -1.28 14.94 7.80
N ALA A 245 -0.61 15.81 7.05
CA ALA A 245 0.48 15.37 6.16
C ALA A 245 1.66 14.80 6.96
N GLU A 246 1.94 15.38 8.13
CA GLU A 246 3.02 14.92 9.01
C GLU A 246 2.93 13.43 9.40
N THR A 247 1.71 12.91 9.48
CA THR A 247 1.48 11.49 9.79
C THR A 247 2.19 10.56 8.79
N LEU A 248 2.29 11.03 7.53
CA LEU A 248 3.02 10.30 6.48
C LEU A 248 4.51 10.68 6.41
N GLY A 249 4.98 11.48 7.38
CA GLY A 249 6.35 12.00 7.36
C GLY A 249 6.59 13.00 6.25
N LYS A 250 5.55 13.76 5.90
CA LYS A 250 5.62 14.74 4.81
C LYS A 250 5.11 16.10 5.28
N ASN A 251 5.48 17.14 4.53
CA ASN A 251 4.89 18.46 4.68
C ASN A 251 3.82 18.67 3.61
N ILE A 252 2.87 19.57 3.90
CA ILE A 252 1.79 19.87 2.98
C ILE A 252 2.33 20.49 1.68
N GLY A 253 1.89 19.95 0.55
CA GLY A 253 2.32 20.44 -0.76
C GLY A 253 3.53 19.74 -1.34
N ASP A 254 4.07 18.77 -0.62
CA ASP A 254 5.28 18.03 -1.06
C ASP A 254 5.09 17.38 -2.42
N ASP A 255 3.98 16.66 -2.57
CA ASP A 255 3.68 15.96 -3.82
C ASP A 255 3.63 16.95 -4.99
N LEU A 256 3.02 18.11 -4.74
CA LEU A 256 3.01 19.22 -5.72
C LEU A 256 4.39 19.65 -6.18
N MET A 257 5.31 19.77 -5.24
CA MET A 257 6.67 20.19 -5.54
C MET A 257 7.36 19.22 -6.50
N GLU A 258 7.22 17.94 -6.20
CA GLU A 258 7.82 16.88 -7.01
C GLU A 258 7.13 16.74 -8.37
N GLY A 259 5.92 17.29 -8.49
CA GLY A 259 5.14 17.19 -9.73
C GLY A 259 4.45 15.85 -9.97
N LYS A 260 4.34 15.02 -8.93
N LYS A 260 4.37 15.04 -8.92
CA LYS A 260 3.63 13.75 -9.08
CA LYS A 260 3.74 13.73 -9.00
C LYS A 260 2.12 14.01 -9.23
C LYS A 260 2.27 13.84 -9.35
N PRO A 261 1.46 13.18 -10.05
N PRO A 261 1.77 12.87 -10.13
CA PRO A 261 0.07 13.37 -10.49
CA PRO A 261 0.35 12.81 -10.41
C PRO A 261 -0.95 13.55 -9.37
C PRO A 261 -0.38 12.25 -9.20
N THR A 262 -1.16 12.51 -8.59
N THR A 262 -1.27 13.05 -8.63
CA THR A 262 -2.07 12.53 -7.45
CA THR A 262 -2.11 12.55 -7.54
C THR A 262 -3.51 12.92 -7.84
C THR A 262 -3.54 12.97 -7.81
N LEU A 263 -4.46 12.14 -7.34
CA LEU A 263 -5.89 12.32 -7.63
C LEU A 263 -6.46 13.65 -7.15
N PRO A 264 -6.02 14.15 -5.98
CA PRO A 264 -6.42 15.52 -5.57
C PRO A 264 -6.17 16.60 -6.64
N LEU A 265 -5.02 16.54 -7.28
CA LEU A 265 -4.67 17.53 -8.32
C LEU A 265 -5.41 17.26 -9.62
N ILE A 266 -5.46 16.00 -10.04
CA ILE A 266 -6.21 15.63 -11.24
C ILE A 266 -7.69 16.00 -11.05
N SER A 267 -8.25 15.65 -9.89
CA SER A 267 -9.63 15.99 -9.59
C SER A 267 -9.85 17.49 -9.44
N ALA A 268 -8.87 18.21 -8.89
CA ALA A 268 -8.95 19.66 -8.76
C ALA A 268 -9.09 20.31 -10.14
N LEU A 269 -8.35 19.79 -11.12
CA LEU A 269 -8.48 20.24 -12.51
C LEU A 269 -9.90 19.98 -13.05
N ALA A 270 -10.44 18.80 -12.75
CA ALA A 270 -11.79 18.42 -13.15
C ALA A 270 -12.87 19.26 -12.46
N HIS A 271 -12.56 19.77 -11.27
CA HIS A 271 -13.48 20.60 -10.49
C HIS A 271 -13.15 22.10 -10.58
N SER A 272 -12.55 22.53 -11.68
CA SER A 272 -12.13 23.92 -11.82
C SER A 272 -12.14 24.37 -13.27
N THR A 273 -12.37 25.67 -13.47
CA THR A 273 -12.37 26.28 -14.80
C THR A 273 -11.65 27.62 -14.70
N GLY A 274 -11.48 28.27 -15.85
CA GLY A 274 -10.92 29.62 -15.89
C GLY A 274 -9.51 29.69 -15.33
N GLU A 275 -9.29 30.67 -14.46
CA GLU A 275 -7.97 30.99 -13.93
C GLU A 275 -7.53 29.97 -12.88
N GLU A 276 -8.45 29.52 -12.03
CA GLU A 276 -8.16 28.50 -11.03
C GLU A 276 -7.65 27.22 -11.67
N HIS A 277 -8.24 26.87 -12.81
CA HIS A 277 -7.79 25.74 -13.61
C HIS A 277 -6.39 25.97 -14.14
N ALA A 278 -6.13 27.19 -14.61
CA ALA A 278 -4.82 27.57 -15.17
C ALA A 278 -3.72 27.53 -14.11
N ILE A 279 -4.04 28.01 -12.91
CA ILE A 279 -3.09 28.01 -11.80
C ILE A 279 -2.62 26.59 -11.48
N ILE A 280 -3.58 25.68 -11.27
CA ILE A 280 -3.27 24.28 -10.99
C ILE A 280 -2.43 23.66 -12.09
N ARG A 281 -2.82 23.91 -13.33
CA ARG A 281 -2.15 23.36 -14.51
C ARG A 281 -0.69 23.84 -14.61
N ARG A 282 -0.50 25.15 -14.53
CA ARG A 282 0.84 25.73 -14.54
C ARG A 282 1.66 25.22 -13.37
N SER A 283 1.02 25.12 -12.20
CA SER A 283 1.70 24.66 -10.99
C SER A 283 2.25 23.23 -11.15
N ILE A 284 1.46 22.35 -11.75
CA ILE A 284 1.91 20.99 -12.05
C ILE A 284 3.05 20.99 -13.06
N ALA A 285 2.92 21.79 -14.11
CA ALA A 285 3.95 21.86 -15.16
C ALA A 285 5.28 22.41 -14.65
N THR A 286 5.22 23.51 -13.88
CA THR A 286 6.43 24.22 -13.42
C THR A 286 6.94 23.72 -12.07
N GLY A 287 6.04 23.46 -11.13
CA GLY A 287 6.43 23.05 -9.78
C GLY A 287 7.12 24.14 -8.97
N GLY A 288 6.69 25.38 -9.15
CA GLY A 288 7.22 26.52 -8.39
C GLY A 288 6.49 26.70 -7.07
N VAL A 289 7.16 27.29 -6.09
CA VAL A 289 6.57 27.45 -4.76
C VAL A 289 5.58 28.63 -4.67
N ASP A 290 5.65 29.56 -5.62
CA ASP A 290 4.90 30.81 -5.53
C ASP A 290 3.38 30.66 -5.42
N GLN A 291 2.79 29.77 -6.19
CA GLN A 291 1.33 29.60 -6.20
C GLN A 291 0.88 28.43 -5.33
N LEU A 292 1.83 27.85 -4.62
CA LEU A 292 1.60 26.65 -3.83
C LEU A 292 0.47 26.83 -2.79
N PRO A 293 0.47 27.96 -2.07
CA PRO A 293 -0.65 28.14 -1.13
C PRO A 293 -2.01 28.24 -1.84
N LYS A 294 -2.04 28.93 -2.98
CA LYS A 294 -3.26 29.06 -3.77
C LYS A 294 -3.74 27.70 -4.27
N VAL A 295 -2.80 26.89 -4.75
CA VAL A 295 -3.16 25.58 -5.29
C VAL A 295 -3.75 24.70 -4.20
N ILE A 296 -3.16 24.72 -3.02
CA ILE A 296 -3.65 23.92 -1.89
C ILE A 296 -5.07 24.36 -1.51
N GLU A 297 -5.34 25.66 -1.63
CA GLU A 297 -6.64 26.22 -1.31
C GLU A 297 -7.71 25.76 -2.32
N ILE A 298 -7.34 25.77 -3.59
CA ILE A 298 -8.25 25.34 -4.66
C ILE A 298 -8.60 23.86 -4.54
N VAL A 299 -7.59 23.03 -4.24
CA VAL A 299 -7.79 21.60 -4.02
C VAL A 299 -8.74 21.35 -2.86
N GLN A 300 -8.59 22.15 -1.80
CA GLN A 300 -9.41 22.01 -0.58
C GLN A 300 -10.85 22.52 -0.73
N LYS A 301 -11.06 23.50 -1.62
CA LYS A 301 -12.38 24.13 -1.74
C LYS A 301 -13.15 23.78 -3.02
N SER A 302 -12.45 23.20 -4.00
CA SER A 302 -13.07 22.79 -5.26
C SER A 302 -14.02 21.60 -5.08
N GLY A 303 -13.82 20.83 -4.01
CA GLY A 303 -14.50 19.57 -3.81
C GLY A 303 -13.65 18.38 -4.25
N ALA A 304 -12.47 18.65 -4.82
CA ALA A 304 -11.57 17.58 -5.24
C ALA A 304 -11.28 16.57 -4.14
N LEU A 305 -11.05 17.04 -2.92
CA LEU A 305 -10.74 16.12 -1.82
C LEU A 305 -11.95 15.24 -1.46
N ASP A 306 -13.16 15.78 -1.59
CA ASP A 306 -14.37 15.01 -1.34
C ASP A 306 -14.55 13.92 -2.40
N TYR A 307 -14.27 14.26 -3.65
CA TYR A 307 -14.27 13.32 -4.74
C TYR A 307 -13.32 12.16 -4.47
N CYS A 308 -12.09 12.49 -4.06
CA CYS A 308 -11.10 11.46 -3.71
C CYS A 308 -11.57 10.61 -2.53
N GLN A 309 -12.22 11.26 -1.59
CA GLN A 309 -12.77 10.59 -0.44
C GLN A 309 -13.80 9.54 -0.88
N ARG A 310 -14.71 9.93 -1.75
CA ARG A 310 -15.75 9.01 -2.22
CA ARG A 310 -15.74 9.01 -2.21
C ARG A 310 -15.11 7.85 -2.98
N ARG A 311 -14.13 8.14 -3.82
CA ARG A 311 -13.43 7.10 -4.57
C ARG A 311 -12.79 6.07 -3.63
N ALA A 312 -12.18 6.54 -2.55
CA ALA A 312 -11.54 5.65 -1.57
C ALA A 312 -12.56 4.76 -0.84
N GLN A 313 -13.74 5.30 -0.59
CA GLN A 313 -14.81 4.55 0.06
CA GLN A 313 -14.80 4.56 0.07
C GLN A 313 -15.37 3.51 -0.91
N GLU A 314 -15.46 3.87 -2.18
CA GLU A 314 -15.90 2.92 -3.18
C GLU A 314 -14.93 1.73 -3.31
N GLU A 315 -13.62 2.02 -3.23
CA GLU A 315 -12.59 1.00 -3.34
C GLU A 315 -12.64 0.10 -2.13
N THR A 316 -12.87 0.69 -0.97
CA THR A 316 -13.05 -0.03 0.27
C THR A 316 -14.26 -0.96 0.17
N GLU A 317 -15.34 -0.50 -0.45
CA GLU A 317 -16.52 -1.33 -0.67
C GLU A 317 -16.21 -2.52 -1.58
N ALA A 318 -15.52 -2.25 -2.69
CA ALA A 318 -15.10 -3.31 -3.62
C ALA A 318 -14.16 -4.33 -2.96
N ALA A 319 -13.30 -3.86 -2.06
CA ALA A 319 -12.41 -4.74 -1.30
C ALA A 319 -13.18 -5.72 -0.42
N LEU A 320 -14.16 -5.19 0.31
CA LEU A 320 -14.95 -6.01 1.24
C LEU A 320 -15.83 -7.03 0.53
N GLN A 321 -16.37 -6.62 -0.61
CA GLN A 321 -17.16 -7.50 -1.44
C GLN A 321 -16.36 -8.71 -1.89
N ALA A 322 -15.15 -8.48 -2.40
CA ALA A 322 -14.28 -9.56 -2.86
C ALA A 322 -13.93 -10.51 -1.70
N LEU A 323 -13.74 -9.94 -0.53
CA LEU A 323 -13.49 -10.74 0.69
C LEU A 323 -14.65 -11.66 1.08
N SER A 324 -15.88 -11.22 0.81
CA SER A 324 -17.08 -11.93 1.29
C SER A 324 -17.21 -13.35 0.75
N ILE A 325 -16.44 -13.67 -0.28
CA ILE A 325 -16.36 -15.02 -0.84
C ILE A 325 -15.72 -15.99 0.14
N LEU A 326 -14.78 -15.51 0.96
CA LEU A 326 -14.11 -16.37 1.93
C LEU A 326 -15.00 -16.76 3.10
N PRO A 327 -14.67 -17.86 3.77
CA PRO A 327 -15.39 -18.25 4.97
C PRO A 327 -15.27 -17.18 6.06
N ASP A 328 -16.33 -17.04 6.85
CA ASP A 328 -16.31 -16.12 7.96
C ASP A 328 -15.44 -16.69 9.09
N THR A 329 -14.22 -16.19 9.19
CA THR A 329 -13.31 -16.56 10.28
C THR A 329 -12.84 -15.30 11.01
N PRO A 330 -12.16 -15.46 12.16
CA PRO A 330 -11.51 -14.30 12.77
C PRO A 330 -10.50 -13.65 11.82
N TYR A 331 -9.88 -14.47 10.97
CA TYR A 331 -8.88 -14.01 10.03
C TYR A 331 -9.50 -13.12 8.96
N ARG A 332 -10.68 -13.49 8.47
CA ARG A 332 -11.44 -12.62 7.57
C ARG A 332 -11.87 -11.35 8.30
N GLN A 333 -12.35 -11.48 9.54
CA GLN A 333 -12.79 -10.31 10.29
C GLN A 333 -11.66 -9.30 10.47
N ALA A 334 -10.46 -9.82 10.71
CA ALA A 334 -9.26 -9.00 10.88
C ALA A 334 -8.93 -8.20 9.63
N LEU A 335 -9.03 -8.85 8.47
CA LEU A 335 -8.83 -8.17 7.19
C LEU A 335 -9.90 -7.10 6.95
N ILE A 336 -11.12 -7.38 7.39
CA ILE A 336 -12.22 -6.42 7.25
C ILE A 336 -11.95 -5.21 8.14
N ASN A 337 -11.56 -5.50 9.37
CA ASN A 337 -11.27 -4.48 10.36
C ASN A 337 -10.10 -3.59 9.95
N LEU A 338 -9.15 -4.15 9.21
CA LEU A 338 -8.00 -3.42 8.69
C LEU A 338 -8.42 -2.44 7.62
N THR A 339 -9.26 -2.91 6.70
CA THR A 339 -9.78 -2.09 5.61
C THR A 339 -10.54 -0.86 6.12
N ARG A 340 -11.34 -1.05 7.16
CA ARG A 340 -12.11 0.04 7.75
C ARG A 340 -11.23 1.01 8.57
N LEU A 341 -10.27 0.45 9.30
CA LEU A 341 -9.29 1.25 10.02
C LEU A 341 -8.45 2.11 9.06
N ALA A 342 -8.14 1.56 7.89
CA ALA A 342 -7.38 2.29 6.88
C ALA A 342 -8.22 3.44 6.35
N LEU A 343 -9.47 3.14 6.00
CA LEU A 343 -10.39 4.16 5.53
C LEU A 343 -10.64 5.27 6.57
N HIS A 344 -10.56 4.93 7.85
CA HIS A 344 -10.84 5.89 8.92
C HIS A 344 -9.78 7.01 9.05
N ARG A 345 -8.57 6.77 8.53
CA ARG A 345 -7.56 7.82 8.43
C ARG A 345 -8.11 9.15 7.87
N ILE A 346 -9.12 9.07 7.00
CA ILE A 346 -9.88 10.26 6.57
C ILE A 346 -11.30 10.26 7.15
C1 GOL B . -6.72 -6.37 -8.51
O1 GOL B . -5.54 -6.14 -9.28
C2 GOL B . -7.74 -5.28 -8.76
O2 GOL B . -8.63 -5.20 -7.65
C3 GOL B . -7.07 -3.93 -8.98
O3 GOL B . -8.03 -2.88 -8.92
CL CL C . 3.86 -2.65 5.57
CL CL D . -16.40 2.17 8.35
CL CL E . -2.42 -26.17 3.22
#